data_9IMJ
#
_entry.id   9IMJ
#
_cell.length_a   90.989
_cell.length_b   90.989
_cell.length_c   102.900
_cell.angle_alpha   90.00
_cell.angle_beta   90.00
_cell.angle_gamma   120.00
#
_symmetry.space_group_name_H-M   'P 31 2 1'
#
loop_
_entity.id
_entity.type
_entity.pdbx_description
1 polymer 'DNA topoisomerase (ATP-hydrolyzing)'
2 non-polymer 'MAGNESIUM ION'
3 non-polymer 'PHOSPHOAMINOPHOSPHONIC ACID-ADENYLATE ESTER'
4 water water
#
_entity_poly.entity_id   1
_entity_poly.type   'polypeptide(L)'
_entity_poly.pdbx_seq_one_letter_code
;MIKNEIKILSDIEHIKKRSGMYIGSSANEMHERFLFGKWESVQYVPGLVKLIDEIIDNSVDEGIRTKFKFANKINVTIKN
NQVTVEDNGRGIPQAMVKTPTGEEIPGPVAAWTIPKAGGNFGDDKERVTGGMNGVGSSLTNIFSVMFVGETGDGQNNIVV
RCSNGMENKSWETIPGKWKGTRVTFIPDFMSFETNELSQVYLDITLDRLQTLAVVYPDIQFTFNGKKVQGNFKKYARQYD
EHAIVQEQENCSIAVGRSPDGFRQLTYVNNIHTKNGGHHIDCVMDDICEDLIPQIKRKFKIDVTKARVKECLTIVMFVRD
MKNMRFDSQTKERLTSPFGEIRSHIQLDAKKISRAILNNEAILMPIIEAALARKLAAEKAHHHHHH
;
_entity_poly.pdbx_strand_id   A
#
loop_
_chem_comp.id
_chem_comp.type
_chem_comp.name
_chem_comp.formula
ANP non-polymer 'PHOSPHOAMINOPHOSPHONIC ACID-ADENYLATE ESTER' 'C10 H17 N6 O12 P3'
MG non-polymer 'MAGNESIUM ION' 'Mg 2'
#
# COMPACT_ATOMS: atom_id res chain seq x y z
N MET A 1 -11.93 -42.89 1.24
CA MET A 1 -10.59 -42.60 0.73
C MET A 1 -10.59 -41.34 -0.14
N ILE A 2 -10.21 -40.21 0.44
CA ILE A 2 -9.46 -39.21 -0.29
C ILE A 2 -8.01 -39.44 0.09
N LYS A 3 -7.13 -39.53 -0.92
CA LYS A 3 -5.75 -39.88 -0.62
C LYS A 3 -5.12 -38.79 0.22
N ASN A 4 -4.22 -39.19 1.11
CA ASN A 4 -3.49 -38.26 1.96
C ASN A 4 -1.99 -38.50 1.71
N GLU A 5 -1.52 -38.12 0.51
CA GLU A 5 -0.14 -38.38 0.11
C GLU A 5 0.70 -37.14 0.29
N ILE A 6 1.84 -37.28 0.94
CA ILE A 6 2.65 -36.16 1.35
C ILE A 6 3.60 -35.81 0.21
N LYS A 7 3.66 -34.52 -0.11
CA LYS A 7 4.46 -34.00 -1.18
C LYS A 7 5.13 -32.74 -0.66
N ILE A 8 6.27 -32.38 -1.26
CA ILE A 8 7.10 -31.24 -0.87
C ILE A 8 7.23 -30.30 -2.06
N LEU A 9 7.20 -28.98 -1.80
CA LEU A 9 7.08 -27.98 -2.85
C LEU A 9 8.19 -26.94 -2.73
N SER A 10 8.75 -26.58 -3.87
CA SER A 10 9.70 -25.50 -3.91
C SER A 10 9.00 -24.18 -3.63
N ASP A 11 9.80 -23.19 -3.23
CA ASP A 11 9.24 -21.87 -3.03
C ASP A 11 8.43 -21.41 -4.26
N ILE A 12 9.03 -21.51 -5.45
CA ILE A 12 8.33 -21.05 -6.66
C ILE A 12 7.06 -21.86 -6.85
N GLU A 13 7.18 -23.19 -6.78
CA GLU A 13 6.03 -24.08 -6.86
C GLU A 13 4.92 -23.64 -5.91
N HIS A 14 5.27 -23.45 -4.63
CA HIS A 14 4.29 -23.01 -3.63
C HIS A 14 3.69 -21.66 -4.00
N ILE A 15 4.50 -20.75 -4.54
CA ILE A 15 3.94 -19.47 -4.92
C ILE A 15 2.95 -19.68 -6.05
N LYS A 16 3.31 -20.52 -7.01
CA LYS A 16 2.39 -20.80 -8.10
C LYS A 16 1.15 -21.50 -7.56
N LYS A 17 1.33 -22.48 -6.67
CA LYS A 17 0.20 -23.33 -6.30
C LYS A 17 -0.74 -22.66 -5.31
N ARG A 18 -0.20 -21.90 -4.36
CA ARG A 18 -1.05 -21.21 -3.39
C ARG A 18 -0.98 -19.71 -3.60
N SER A 19 -1.15 -19.28 -4.86
CA SER A 19 -0.84 -17.90 -5.23
C SER A 19 -1.60 -16.88 -4.38
N GLY A 20 -2.81 -17.21 -3.95
CA GLY A 20 -3.66 -16.21 -3.32
C GLY A 20 -3.33 -15.89 -1.89
N MET A 21 -2.54 -16.73 -1.24
CA MET A 21 -1.93 -16.40 0.04
C MET A 21 -0.73 -15.47 -0.13
N TYR A 22 -0.27 -15.31 -1.38
CA TYR A 22 0.85 -14.44 -1.74
C TYR A 22 0.45 -13.14 -2.41
N ILE A 23 -0.61 -13.12 -3.21
CA ILE A 23 -0.96 -11.93 -3.98
C ILE A 23 -2.46 -11.63 -3.97
N GLY A 24 -3.32 -12.61 -3.72
CA GLY A 24 -4.75 -12.36 -3.73
C GLY A 24 -5.49 -12.96 -4.92
N SER A 25 -6.74 -12.52 -5.07
CA SER A 25 -7.66 -13.22 -5.98
C SER A 25 -7.23 -13.03 -7.45
N SER A 26 -7.25 -14.14 -8.20
CA SER A 26 -7.10 -14.16 -9.64
C SER A 26 -8.39 -13.79 -10.37
N ALA A 27 -9.52 -13.79 -9.69
CA ALA A 27 -10.80 -13.67 -10.35
C ALA A 27 -11.11 -12.20 -10.64
N ASN A 28 -11.70 -11.95 -11.81
CA ASN A 28 -12.05 -10.59 -12.26
C ASN A 28 -13.40 -10.21 -11.69
N GLU A 29 -13.39 -9.57 -10.52
CA GLU A 29 -14.57 -9.42 -9.68
C GLU A 29 -14.84 -7.97 -9.32
N MET A 30 -16.04 -7.75 -8.78
CA MET A 30 -16.51 -6.42 -8.42
C MET A 30 -16.27 -6.22 -6.93
N HIS A 31 -15.48 -5.20 -6.61
CA HIS A 31 -15.16 -4.83 -5.23
C HIS A 31 -15.55 -3.37 -4.99
N GLU A 32 -15.92 -3.06 -3.75
CA GLU A 32 -16.14 -1.67 -3.38
C GLU A 32 -14.87 -1.14 -2.77
N ARG A 33 -14.55 0.12 -3.07
CA ARG A 33 -13.29 0.74 -2.68
C ARG A 33 -13.32 2.19 -3.12
N PHE A 34 -12.27 2.93 -2.75
CA PHE A 34 -12.11 4.34 -3.09
C PHE A 34 -11.30 4.49 -4.37
N LEU A 35 -11.79 5.33 -5.29
CA LEU A 35 -11.03 5.85 -6.43
C LEU A 35 -11.25 7.36 -6.44
N PHE A 36 -10.16 8.12 -6.25
CA PHE A 36 -10.17 9.59 -6.36
C PHE A 36 -11.17 10.22 -5.40
N GLY A 37 -11.42 9.57 -4.25
CA GLY A 37 -12.35 10.03 -3.25
C GLY A 37 -13.73 9.42 -3.34
N LYS A 38 -14.05 8.73 -4.44
CA LYS A 38 -15.39 8.21 -4.66
C LYS A 38 -15.45 6.74 -4.26
N TRP A 39 -16.31 6.43 -3.30
CA TRP A 39 -16.57 5.04 -3.01
C TRP A 39 -17.31 4.42 -4.21
N GLU A 40 -16.59 4.08 -5.27
CA GLU A 40 -17.23 3.41 -6.39
C GLU A 40 -17.24 1.90 -6.13
N SER A 41 -17.80 1.16 -7.07
CA SER A 41 -17.72 -0.29 -7.10
C SER A 41 -17.31 -0.69 -8.52
N VAL A 42 -16.12 -1.29 -8.65
CA VAL A 42 -15.46 -1.47 -9.95
C VAL A 42 -14.84 -2.86 -10.02
N GLN A 43 -14.55 -3.30 -11.26
CA GLN A 43 -14.18 -4.69 -11.54
C GLN A 43 -12.69 -4.80 -11.89
N TYR A 44 -11.94 -5.54 -11.07
CA TYR A 44 -10.52 -5.80 -11.31
C TYR A 44 -10.15 -7.16 -10.71
N VAL A 45 -8.95 -7.63 -11.04
CA VAL A 45 -8.47 -8.85 -10.38
C VAL A 45 -7.40 -8.43 -9.35
N PRO A 46 -7.67 -8.59 -8.06
CA PRO A 46 -6.77 -8.00 -7.04
C PRO A 46 -5.30 -8.38 -7.18
N GLY A 47 -5.00 -9.57 -7.66
CA GLY A 47 -3.62 -10.00 -7.74
C GLY A 47 -2.84 -9.21 -8.76
N LEU A 48 -3.45 -8.94 -9.92
CA LEU A 48 -2.82 -8.08 -10.94
C LEU A 48 -2.40 -6.73 -10.34
N VAL A 49 -3.32 -6.04 -9.68
CA VAL A 49 -2.99 -4.80 -8.98
C VAL A 49 -1.76 -5.00 -8.08
N LYS A 50 -1.71 -6.11 -7.34
CA LYS A 50 -0.57 -6.30 -6.46
C LYS A 50 0.74 -6.35 -7.26
N LEU A 51 0.75 -7.04 -8.42
CA LEU A 51 1.97 -7.16 -9.21
C LEU A 51 2.62 -5.80 -9.47
N ILE A 52 1.79 -4.79 -9.75
CA ILE A 52 2.26 -3.41 -9.87
C ILE A 52 2.77 -2.91 -8.52
N ASP A 53 1.91 -2.98 -7.49
CA ASP A 53 2.21 -2.34 -6.22
C ASP A 53 3.52 -2.81 -5.64
N GLU A 54 3.91 -4.07 -5.89
CA GLU A 54 5.16 -4.57 -5.35
C GLU A 54 6.31 -3.73 -5.87
N ILE A 55 6.35 -3.52 -7.19
CA ILE A 55 7.45 -2.79 -7.78
C ILE A 55 7.43 -1.34 -7.33
N ILE A 56 6.24 -0.75 -7.22
CA ILE A 56 6.17 0.62 -6.71
C ILE A 56 6.70 0.69 -5.30
N ASP A 57 6.16 -0.17 -4.41
CA ASP A 57 6.56 -0.23 -3.00
C ASP A 57 8.07 -0.18 -2.90
N ASN A 58 8.76 -0.95 -3.76
CA ASN A 58 10.20 -1.08 -3.70
C ASN A 58 10.88 0.26 -3.91
N SER A 59 10.44 1.01 -4.90
CA SER A 59 11.01 2.33 -5.12
C SER A 59 10.74 3.26 -3.93
N VAL A 60 9.49 3.28 -3.44
CA VAL A 60 9.15 4.15 -2.32
C VAL A 60 9.91 3.76 -1.07
N ASP A 61 10.19 2.46 -0.91
CA ASP A 61 11.09 2.00 0.14
C ASP A 61 12.43 2.71 0.08
N GLU A 62 13.06 2.72 -1.10
CA GLU A 62 14.37 3.34 -1.25
C GLU A 62 14.31 4.84 -0.95
N GLY A 63 13.26 5.52 -1.43
CA GLY A 63 13.03 6.89 -1.00
C GLY A 63 13.02 7.03 0.50
N ILE A 64 12.29 6.13 1.17
CA ILE A 64 12.28 6.14 2.63
C ILE A 64 13.69 5.92 3.16
N ARG A 65 14.38 4.87 2.67
CA ARG A 65 15.67 4.49 3.24
C ARG A 65 16.61 5.68 3.30
N THR A 66 16.57 6.53 2.28
CA THR A 66 17.50 7.64 2.15
C THR A 66 16.84 8.98 2.40
N LYS A 67 15.79 9.01 3.23
CA LYS A 67 15.10 10.25 3.63
C LYS A 67 14.81 11.15 2.43
N PHE A 68 14.50 10.54 1.29
CA PHE A 68 14.15 11.18 0.03
C PHE A 68 15.30 11.99 -0.58
N LYS A 69 16.53 11.81 -0.08
CA LYS A 69 17.68 12.30 -0.82
C LYS A 69 17.88 11.50 -2.10
N PHE A 70 17.39 10.25 -2.12
CA PHE A 70 17.37 9.38 -3.30
C PHE A 70 15.95 8.87 -3.49
N ALA A 71 15.66 8.43 -4.71
CA ALA A 71 14.33 7.98 -5.08
C ALA A 71 13.26 9.03 -4.75
N ASN A 72 13.48 10.26 -5.22
CA ASN A 72 12.47 11.32 -5.12
C ASN A 72 11.84 11.65 -6.47
N LYS A 73 12.24 10.97 -7.53
CA LYS A 73 11.46 10.92 -8.76
C LYS A 73 11.14 9.45 -9.01
N ILE A 74 9.85 9.12 -9.10
CA ILE A 74 9.41 7.76 -9.39
C ILE A 74 8.42 7.81 -10.55
N ASN A 75 8.77 7.16 -11.66
CA ASN A 75 8.12 7.29 -12.96
C ASN A 75 7.38 6.01 -13.29
N VAL A 76 6.05 6.04 -13.24
CA VAL A 76 5.26 4.85 -13.53
C VAL A 76 4.54 5.04 -14.86
N THR A 77 4.51 3.96 -15.63
CA THR A 77 4.03 3.92 -17.01
C THR A 77 3.28 2.61 -17.25
N ILE A 78 2.07 2.71 -17.82
CA ILE A 78 1.26 1.53 -18.14
C ILE A 78 0.78 1.69 -19.57
N LYS A 79 1.36 0.92 -20.50
CA LYS A 79 1.18 1.07 -21.94
C LYS A 79 1.06 -0.33 -22.53
N ASN A 80 -0.04 -0.57 -23.26
CA ASN A 80 -0.29 -1.87 -23.88
C ASN A 80 0.20 -3.00 -23.00
N ASN A 81 -0.35 -3.10 -21.78
CA ASN A 81 -0.09 -4.21 -20.86
C ASN A 81 1.35 -4.27 -20.39
N GLN A 82 2.12 -3.19 -20.44
CA GLN A 82 3.51 -3.24 -19.98
C GLN A 82 3.72 -2.19 -18.88
N VAL A 83 4.11 -2.65 -17.70
CA VAL A 83 4.23 -1.82 -16.52
C VAL A 83 5.70 -1.45 -16.37
N THR A 84 5.99 -0.16 -16.26
CA THR A 84 7.35 0.30 -16.10
C THR A 84 7.38 1.16 -14.84
N VAL A 85 8.35 0.88 -13.97
CA VAL A 85 8.60 1.65 -12.75
C VAL A 85 10.09 2.00 -12.72
N GLU A 86 10.40 3.30 -12.84
CA GLU A 86 11.77 3.82 -12.77
C GLU A 86 11.90 4.72 -11.54
N ASP A 87 13.05 4.67 -10.88
CA ASP A 87 13.33 5.56 -9.75
C ASP A 87 14.77 6.03 -9.83
N ASN A 88 15.08 7.06 -9.03
CA ASN A 88 16.46 7.51 -8.90
C ASN A 88 17.04 7.23 -7.50
N GLY A 89 16.61 6.18 -6.82
CA GLY A 89 17.34 5.76 -5.64
C GLY A 89 18.77 5.31 -5.96
N ARG A 90 19.44 4.73 -4.97
CA ARG A 90 20.86 4.39 -5.10
C ARG A 90 21.10 3.14 -5.94
N GLY A 91 20.07 2.52 -6.49
CA GLY A 91 20.22 1.24 -7.14
C GLY A 91 20.36 0.13 -6.13
N ILE A 92 20.24 -1.10 -6.59
CA ILE A 92 20.34 -2.27 -5.72
C ILE A 92 21.80 -2.66 -5.62
N PRO A 93 22.41 -2.55 -4.44
CA PRO A 93 23.83 -2.89 -4.31
C PRO A 93 24.22 -4.15 -5.07
N GLN A 94 25.13 -4.00 -6.04
CA GLN A 94 25.51 -5.07 -6.96
C GLN A 94 26.41 -6.15 -6.37
N ALA A 95 26.83 -5.97 -5.12
CA ALA A 95 27.64 -6.99 -4.44
C ALA A 95 26.98 -8.36 -4.54
N MET A 96 27.76 -9.42 -4.31
CA MET A 96 27.25 -10.78 -4.43
C MET A 96 26.71 -11.31 -3.10
N VAL A 97 25.91 -12.38 -3.19
CA VAL A 97 25.32 -13.02 -2.02
C VAL A 97 25.40 -14.53 -2.18
N LYS A 98 25.49 -15.25 -1.07
CA LYS A 98 25.61 -16.70 -1.08
C LYS A 98 24.30 -17.31 -0.60
N THR A 99 23.81 -18.13 -1.34
CA THR A 99 22.69 -18.93 -0.89
C THR A 99 23.22 -20.18 -0.19
N PRO A 100 22.47 -20.67 0.79
CA PRO A 100 22.87 -21.94 1.45
C PRO A 100 23.01 -23.11 0.48
N THR A 101 22.32 -23.08 -0.69
CA THR A 101 22.47 -24.09 -1.73
C THR A 101 23.70 -23.86 -2.63
N GLY A 102 24.82 -23.49 -2.01
CA GLY A 102 26.10 -23.32 -2.68
C GLY A 102 26.29 -22.06 -3.48
N GLU A 103 25.29 -21.69 -4.29
CA GLU A 103 25.48 -20.73 -5.37
C GLU A 103 25.94 -19.37 -4.87
N GLU A 104 26.45 -18.60 -5.82
CA GLU A 104 27.02 -17.27 -5.60
C GLU A 104 26.45 -16.35 -6.69
N ILE A 105 25.53 -15.47 -6.31
CA ILE A 105 24.62 -14.81 -7.26
C ILE A 105 24.59 -13.31 -7.00
N PRO A 106 24.64 -12.46 -8.04
CA PRO A 106 24.71 -11.01 -7.82
C PRO A 106 23.52 -10.50 -7.03
N GLY A 107 23.78 -9.48 -6.21
CA GLY A 107 22.81 -8.93 -5.30
C GLY A 107 21.42 -8.77 -5.90
N PRO A 108 21.31 -7.98 -6.98
CA PRO A 108 19.99 -7.75 -7.58
C PRO A 108 19.34 -9.00 -8.15
N VAL A 109 20.13 -9.97 -8.62
CA VAL A 109 19.53 -11.20 -9.14
C VAL A 109 18.70 -11.88 -8.06
N ALA A 110 19.28 -12.02 -6.87
CA ALA A 110 18.59 -12.68 -5.78
C ALA A 110 17.40 -11.87 -5.33
N ALA A 111 17.61 -10.56 -5.19
CA ALA A 111 16.50 -9.67 -4.87
C ALA A 111 15.27 -10.00 -5.71
N TRP A 112 15.46 -10.15 -7.03
CA TRP A 112 14.37 -10.23 -7.98
C TRP A 112 13.97 -11.66 -8.37
N THR A 113 14.79 -12.67 -8.11
CA THR A 113 14.45 -14.02 -8.55
C THR A 113 14.46 -15.03 -7.42
N ILE A 114 14.82 -14.61 -6.22
CA ILE A 114 14.88 -15.53 -5.10
C ILE A 114 13.93 -15.05 -4.01
N PRO A 115 12.87 -15.81 -3.76
CA PRO A 115 11.98 -15.51 -2.64
C PRO A 115 12.69 -15.70 -1.32
N LYS A 116 12.36 -14.83 -0.36
CA LYS A 116 13.05 -14.79 0.92
C LYS A 116 14.45 -14.19 0.75
N ALA A 117 14.55 -13.15 -0.07
CA ALA A 117 15.81 -12.47 -0.34
C ALA A 117 15.53 -11.00 -0.53
N GLY A 118 15.99 -10.20 0.41
CA GLY A 118 15.87 -8.77 0.25
C GLY A 118 16.70 -8.04 1.28
N GLY A 119 16.50 -6.72 1.30
CA GLY A 119 17.27 -5.85 2.19
C GLY A 119 16.48 -5.25 3.32
N ASN A 120 15.39 -5.92 3.71
CA ASN A 120 14.55 -5.50 4.84
C ASN A 120 14.49 -6.59 5.89
N PHE A 121 15.61 -7.28 6.11
CA PHE A 121 15.69 -8.31 7.13
C PHE A 121 16.59 -7.89 8.28
N GLY A 122 16.62 -6.59 8.60
CA GLY A 122 17.39 -6.09 9.72
C GLY A 122 16.60 -6.10 11.02
N ASP A 123 17.23 -5.53 12.06
CA ASP A 123 16.61 -5.36 13.36
C ASP A 123 15.20 -4.79 13.22
N ASP A 124 14.19 -5.57 13.64
CA ASP A 124 12.82 -5.19 13.36
C ASP A 124 12.45 -3.84 13.95
N LYS A 125 12.86 -3.58 15.19
CA LYS A 125 12.40 -2.36 15.85
C LYS A 125 12.86 -1.10 15.14
N GLU A 126 13.84 -1.20 14.23
CA GLU A 126 14.30 -0.05 13.48
C GLU A 126 13.81 -0.03 12.02
N ARG A 127 13.02 -1.02 11.59
CA ARG A 127 12.61 -1.11 10.19
C ARG A 127 11.48 -0.13 9.91
N VAL A 128 11.76 0.83 9.05
CA VAL A 128 10.78 1.86 8.68
C VAL A 128 10.21 1.65 7.28
N THR A 129 10.79 0.75 6.47
CA THR A 129 10.34 0.53 5.11
C THR A 129 9.10 -0.34 5.08
N GLY A 130 8.17 -0.01 4.17
CA GLY A 130 7.04 -0.90 3.94
C GLY A 130 7.43 -2.30 3.52
N GLY A 131 8.66 -2.50 3.08
CA GLY A 131 9.08 -3.80 2.62
C GLY A 131 9.67 -4.53 3.79
N MET A 132 9.49 -5.84 3.83
CA MET A 132 9.94 -6.63 4.96
C MET A 132 10.02 -8.12 4.67
N ASN A 133 9.27 -8.63 3.70
CA ASN A 133 9.23 -10.06 3.62
C ASN A 133 10.25 -10.63 2.65
N GLY A 134 10.67 -9.85 1.66
CA GLY A 134 11.64 -10.31 0.68
C GLY A 134 11.06 -11.23 -0.37
N VAL A 135 9.86 -10.93 -0.86
CA VAL A 135 9.20 -11.84 -1.78
C VAL A 135 8.44 -11.11 -2.88
N GLY A 136 8.02 -9.87 -2.64
CA GLY A 136 7.12 -9.21 -3.58
C GLY A 136 7.64 -9.06 -5.00
N SER A 137 8.95 -8.82 -5.17
CA SER A 137 9.52 -8.73 -6.50
C SER A 137 9.45 -10.07 -7.22
N SER A 138 9.83 -11.14 -6.54
CA SER A 138 9.76 -12.46 -7.15
C SER A 138 8.32 -12.85 -7.48
N LEU A 139 7.36 -12.26 -6.76
CA LEU A 139 5.95 -12.50 -7.05
C LEU A 139 5.56 -11.88 -8.39
N THR A 140 5.91 -10.60 -8.59
CA THR A 140 5.74 -9.95 -9.90
C THR A 140 6.49 -10.72 -10.98
N ASN A 141 7.70 -11.18 -10.68
CA ASN A 141 8.47 -11.99 -11.62
C ASN A 141 7.82 -13.36 -11.86
N ILE A 142 7.43 -14.05 -10.79
CA ILE A 142 6.81 -15.35 -11.01
C ILE A 142 5.51 -15.23 -11.80
N PHE A 143 4.76 -14.15 -11.63
CA PHE A 143 3.52 -13.97 -12.38
C PHE A 143 3.69 -12.98 -13.53
N SER A 144 4.85 -13.00 -14.21
CA SER A 144 5.11 -12.16 -15.38
C SER A 144 5.60 -13.03 -16.51
N VAL A 145 5.12 -12.77 -17.73
CA VAL A 145 5.69 -13.47 -18.88
C VAL A 145 7.03 -12.87 -19.26
N MET A 146 7.19 -11.57 -19.08
CA MET A 146 8.48 -10.90 -19.25
C MET A 146 8.72 -10.00 -18.06
N PHE A 147 9.91 -10.12 -17.47
CA PHE A 147 10.32 -9.30 -16.35
C PHE A 147 11.77 -8.91 -16.56
N VAL A 148 12.04 -7.61 -16.56
CA VAL A 148 13.38 -7.11 -16.83
C VAL A 148 13.69 -6.01 -15.83
N GLY A 149 14.63 -6.28 -14.93
CA GLY A 149 15.06 -5.32 -13.92
C GLY A 149 16.44 -4.78 -14.30
N GLU A 150 16.56 -3.47 -14.26
CA GLU A 150 17.83 -2.79 -14.50
C GLU A 150 18.15 -1.92 -13.28
N THR A 151 19.31 -2.18 -12.63
CA THR A 151 19.87 -1.26 -11.64
C THR A 151 21.32 -0.95 -11.93
N GLY A 152 21.72 0.23 -11.49
CA GLY A 152 23.12 0.64 -11.50
C GLY A 152 23.40 1.52 -10.30
N ASP A 153 24.63 1.43 -9.79
CA ASP A 153 25.01 2.13 -8.57
C ASP A 153 25.80 3.40 -8.83
N GLY A 154 26.02 3.76 -10.10
CA GLY A 154 26.90 4.84 -10.51
C GLY A 154 28.17 4.34 -11.18
N GLN A 155 28.60 3.13 -10.85
CA GLN A 155 29.71 2.42 -11.48
C GLN A 155 29.26 1.62 -12.70
N ASN A 156 28.45 0.58 -12.48
CA ASN A 156 27.96 -0.27 -13.56
C ASN A 156 26.46 -0.52 -13.39
N ASN A 157 25.85 -1.05 -14.45
CA ASN A 157 24.47 -1.51 -14.44
C ASN A 157 24.43 -3.02 -14.57
N ILE A 158 23.52 -3.66 -13.83
CA ILE A 158 23.15 -5.05 -14.10
C ILE A 158 21.74 -5.07 -14.69
N VAL A 159 21.56 -5.85 -15.75
CA VAL A 159 20.25 -6.15 -16.29
C VAL A 159 19.92 -7.60 -15.97
N VAL A 160 18.74 -7.83 -15.42
CA VAL A 160 18.28 -9.19 -15.14
C VAL A 160 17.05 -9.43 -16.02
N ARG A 161 17.20 -10.25 -17.08
CA ARG A 161 16.17 -10.47 -18.08
C ARG A 161 15.50 -11.81 -17.79
N CYS A 162 14.22 -11.76 -17.44
CA CYS A 162 13.48 -12.93 -16.98
C CYS A 162 12.24 -13.13 -17.83
N SER A 163 11.96 -14.38 -18.22
CA SER A 163 10.76 -14.67 -18.99
C SER A 163 10.00 -15.90 -18.46
N ASN A 164 8.70 -15.95 -18.79
CA ASN A 164 7.81 -17.11 -18.57
C ASN A 164 7.81 -17.56 -17.10
N GLY A 165 7.23 -16.71 -16.25
CA GLY A 165 7.18 -17.03 -14.85
C GLY A 165 8.53 -17.33 -14.23
N MET A 166 9.55 -16.56 -14.61
CA MET A 166 10.86 -16.68 -13.97
C MET A 166 11.44 -18.08 -14.12
N GLU A 167 11.09 -18.78 -15.20
CA GLU A 167 11.79 -20.01 -15.54
C GLU A 167 12.91 -19.75 -16.54
N ASN A 168 12.96 -18.57 -17.15
CA ASN A 168 14.13 -18.11 -17.90
C ASN A 168 14.70 -16.92 -17.14
N LYS A 169 15.90 -17.07 -16.60
CA LYS A 169 16.58 -16.00 -15.91
C LYS A 169 17.96 -15.83 -16.54
N SER A 170 18.34 -14.58 -16.82
CA SER A 170 19.70 -14.30 -17.27
C SER A 170 20.05 -12.87 -16.88
N TRP A 171 21.33 -12.63 -16.63
CA TRP A 171 21.79 -11.31 -16.23
C TRP A 171 23.15 -10.99 -16.81
N GLU A 172 23.33 -9.72 -17.19
CA GLU A 172 24.57 -9.19 -17.72
C GLU A 172 24.85 -7.87 -17.03
N THR A 173 26.13 -7.50 -16.96
CA THR A 173 26.56 -6.24 -16.36
C THR A 173 27.44 -5.47 -17.34
N ILE A 174 27.27 -4.14 -17.38
CA ILE A 174 28.09 -3.24 -18.21
C ILE A 174 28.30 -1.95 -17.42
N PRO A 175 29.46 -1.32 -17.51
CA PRO A 175 29.70 -0.14 -16.67
C PRO A 175 28.84 1.03 -17.13
N GLY A 176 28.52 1.92 -16.21
CA GLY A 176 27.72 3.06 -16.58
C GLY A 176 27.56 4.01 -15.42
N LYS A 177 27.39 5.31 -15.67
CA LYS A 177 27.28 6.27 -14.58
C LYS A 177 25.87 6.39 -14.03
N TRP A 178 24.90 5.82 -14.72
CA TRP A 178 23.53 5.79 -14.23
C TRP A 178 23.48 5.18 -12.83
N LYS A 179 22.60 5.73 -11.98
CA LYS A 179 22.43 5.28 -10.58
C LYS A 179 20.94 5.28 -10.23
N GLY A 180 20.31 4.12 -10.30
CA GLY A 180 18.89 4.01 -10.03
C GLY A 180 18.38 2.67 -10.49
N THR A 181 17.05 2.58 -10.59
CA THR A 181 16.34 1.31 -10.74
C THR A 181 15.23 1.48 -11.76
N ARG A 182 15.15 0.55 -12.71
CA ARG A 182 14.07 0.46 -13.69
C ARG A 182 13.58 -0.98 -13.64
N VAL A 183 12.27 -1.17 -13.56
CA VAL A 183 11.67 -2.50 -13.67
C VAL A 183 10.54 -2.44 -14.68
N THR A 184 10.53 -3.37 -15.62
CA THR A 184 9.54 -3.48 -16.68
C THR A 184 9.03 -4.91 -16.71
N PHE A 185 7.70 -5.08 -16.80
CA PHE A 185 7.14 -6.42 -16.86
C PHE A 185 5.81 -6.40 -17.60
N ILE A 186 5.46 -7.58 -18.10
CA ILE A 186 4.16 -7.88 -18.68
C ILE A 186 3.55 -9.03 -17.90
N PRO A 187 2.37 -8.86 -17.32
CA PRO A 187 1.78 -9.92 -16.47
C PRO A 187 1.49 -11.20 -17.25
N ASP A 188 1.56 -12.34 -16.55
CA ASP A 188 1.20 -13.63 -17.15
C ASP A 188 -0.30 -13.76 -17.06
N PHE A 189 -1.01 -13.49 -18.15
CA PHE A 189 -2.46 -13.39 -18.01
C PHE A 189 -3.12 -14.76 -17.89
N MET A 190 -2.32 -15.80 -17.74
CA MET A 190 -2.86 -17.12 -17.48
C MET A 190 -3.16 -17.40 -16.03
N SER A 191 -2.67 -16.59 -15.12
CA SER A 191 -2.98 -16.76 -13.73
C SER A 191 -4.08 -15.80 -13.28
N PHE A 192 -4.77 -15.19 -14.24
CA PHE A 192 -5.73 -14.14 -13.92
C PHE A 192 -6.94 -14.25 -14.82
N GLU A 193 -8.11 -13.85 -14.29
CA GLU A 193 -9.35 -13.88 -15.06
C GLU A 193 -9.53 -12.64 -15.93
N THR A 194 -8.44 -12.11 -16.48
CA THR A 194 -8.46 -11.13 -17.56
C THR A 194 -7.38 -11.51 -18.53
N ASN A 195 -7.37 -10.85 -19.69
CA ASN A 195 -6.27 -10.97 -20.61
C ASN A 195 -5.69 -9.61 -20.99
N GLU A 196 -6.16 -8.53 -20.39
CA GLU A 196 -5.73 -7.19 -20.74
C GLU A 196 -5.57 -6.40 -19.45
N LEU A 197 -4.53 -5.58 -19.40
CA LEU A 197 -4.35 -4.61 -18.33
C LEU A 197 -5.13 -3.38 -18.72
N SER A 198 -6.45 -3.54 -18.72
CA SER A 198 -7.34 -2.52 -19.25
C SER A 198 -7.39 -1.29 -18.33
N GLN A 199 -8.25 -0.35 -18.73
CA GLN A 199 -8.21 1.02 -18.21
C GLN A 199 -8.39 1.09 -16.70
N VAL A 200 -9.14 0.17 -16.11
CA VAL A 200 -9.37 0.25 -14.66
C VAL A 200 -8.06 0.14 -13.92
N TYR A 201 -7.12 -0.69 -14.42
CA TYR A 201 -5.84 -0.81 -13.73
C TYR A 201 -5.05 0.49 -13.82
N LEU A 202 -5.24 1.23 -14.93
CA LEU A 202 -4.68 2.56 -15.02
C LEU A 202 -5.29 3.47 -13.98
N ASP A 203 -6.61 3.40 -13.80
CA ASP A 203 -7.30 4.26 -12.83
C ASP A 203 -6.81 3.98 -11.41
N ILE A 204 -6.69 2.70 -11.06
CA ILE A 204 -6.27 2.34 -9.72
C ILE A 204 -4.85 2.85 -9.44
N THR A 205 -3.91 2.54 -10.33
CA THR A 205 -2.52 2.94 -10.11
C THR A 205 -2.33 4.45 -10.07
N LEU A 206 -3.11 5.20 -10.86
CA LEU A 206 -3.09 6.64 -10.69
C LEU A 206 -3.64 7.02 -9.34
N ASP A 207 -4.78 6.44 -8.98
CA ASP A 207 -5.36 6.74 -7.69
C ASP A 207 -4.39 6.41 -6.55
N ARG A 208 -3.70 5.27 -6.67
CA ARG A 208 -2.68 4.93 -5.68
C ARG A 208 -1.57 5.96 -5.68
N LEU A 209 -1.16 6.40 -6.86
CA LEU A 209 -0.06 7.35 -6.94
C LEU A 209 -0.48 8.73 -6.46
N GLN A 210 -1.74 9.08 -6.62
CA GLN A 210 -2.19 10.32 -6.02
C GLN A 210 -2.11 10.21 -4.50
N THR A 211 -2.52 9.07 -3.94
CA THR A 211 -2.46 8.91 -2.48
C THR A 211 -1.03 8.91 -1.98
N LEU A 212 -0.14 8.22 -2.69
CA LEU A 212 1.28 8.26 -2.34
C LEU A 212 1.86 9.68 -2.44
N ALA A 213 1.34 10.49 -3.37
CA ALA A 213 1.87 11.85 -3.50
C ALA A 213 1.53 12.72 -2.30
N VAL A 214 0.45 12.42 -1.57
CA VAL A 214 0.08 13.23 -0.41
C VAL A 214 0.74 12.73 0.88
N VAL A 215 0.98 11.42 0.99
CA VAL A 215 1.79 10.91 2.09
C VAL A 215 3.23 11.38 1.98
N TYR A 216 3.73 11.48 0.74
CA TYR A 216 5.14 11.68 0.49
C TYR A 216 5.31 12.86 -0.46
N PRO A 217 5.24 14.08 0.09
CA PRO A 217 5.42 15.28 -0.75
C PRO A 217 6.85 15.45 -1.27
N ASP A 218 7.85 14.82 -0.64
CA ASP A 218 9.21 14.91 -1.14
C ASP A 218 9.49 14.01 -2.32
N ILE A 219 8.50 13.27 -2.79
CA ILE A 219 8.64 12.44 -3.99
C ILE A 219 7.75 13.03 -5.07
N GLN A 220 8.32 13.25 -6.24
CA GLN A 220 7.55 13.65 -7.39
C GLN A 220 7.29 12.39 -8.17
N PHE A 221 6.06 11.91 -8.10
CA PHE A 221 5.64 10.79 -8.94
C PHE A 221 5.19 11.32 -10.30
N THR A 222 5.27 10.44 -11.30
CA THR A 222 4.62 10.69 -12.58
C THR A 222 3.99 9.39 -13.06
N PHE A 223 2.76 9.49 -13.57
CA PHE A 223 2.09 8.39 -14.24
C PHE A 223 1.93 8.73 -15.71
N ASN A 224 2.41 7.83 -16.54
CA ASN A 224 2.36 7.98 -17.99
C ASN A 224 2.70 9.42 -18.37
N GLY A 225 3.92 9.81 -18.03
CA GLY A 225 4.41 11.11 -18.42
C GLY A 225 3.88 12.31 -17.66
N LYS A 226 2.72 12.21 -17.01
CA LYS A 226 2.13 13.34 -16.30
C LYS A 226 2.54 13.31 -14.83
N LYS A 227 3.14 14.41 -14.36
CA LYS A 227 3.51 14.48 -12.94
C LYS A 227 2.27 14.58 -12.09
N VAL A 228 2.36 13.96 -10.92
CA VAL A 228 1.28 13.85 -9.96
C VAL A 228 1.55 14.86 -8.86
N GLN A 229 0.62 15.80 -8.70
CA GLN A 229 0.71 16.83 -7.69
C GLN A 229 -0.06 16.42 -6.45
N GLY A 230 0.02 17.24 -5.41
CA GLY A 230 -0.53 16.86 -4.13
C GLY A 230 -0.68 17.96 -3.10
N ASN A 231 -1.90 18.12 -2.59
CA ASN A 231 -2.19 19.01 -1.47
C ASN A 231 -3.17 18.27 -0.59
N PHE A 232 -2.80 18.01 0.67
CA PHE A 232 -3.58 17.08 1.50
C PHE A 232 -5.04 17.56 1.68
N LYS A 233 -5.25 18.85 2.03
CA LYS A 233 -6.61 19.38 2.16
C LYS A 233 -7.36 19.26 0.84
N LYS A 234 -6.66 19.40 -0.28
CA LYS A 234 -7.28 19.21 -1.58
C LYS A 234 -7.68 17.75 -1.78
N TYR A 235 -6.73 16.83 -1.57
CA TYR A 235 -7.01 15.39 -1.56
C TYR A 235 -8.24 15.08 -0.73
N ALA A 236 -8.20 15.44 0.56
CA ALA A 236 -9.26 15.11 1.50
C ALA A 236 -10.63 15.56 1.02
N ARG A 237 -10.71 16.78 0.47
CA ARG A 237 -11.99 17.29 -0.02
C ARG A 237 -12.57 16.44 -1.15
N GLN A 238 -11.76 15.60 -1.79
CA GLN A 238 -12.29 14.67 -2.80
C GLN A 238 -13.24 13.65 -2.18
N TYR A 239 -13.04 13.30 -0.88
CA TYR A 239 -13.84 12.32 -0.20
C TYR A 239 -15.08 12.93 0.42
N ASP A 240 -15.00 14.19 0.80
CA ASP A 240 -16.16 14.92 1.29
C ASP A 240 -15.83 16.39 1.21
N GLU A 241 -16.49 17.10 0.30
CA GLU A 241 -16.44 18.56 0.28
C GLU A 241 -16.40 19.13 1.70
N HIS A 242 -17.36 18.70 2.52
CA HIS A 242 -17.50 19.13 3.92
C HIS A 242 -16.57 18.38 4.89
N ALA A 243 -15.46 17.84 4.41
CA ALA A 243 -14.51 17.18 5.30
C ALA A 243 -13.87 18.17 6.30
N ILE A 244 -13.00 17.64 7.11
CA ILE A 244 -12.25 18.41 8.05
C ILE A 244 -10.97 17.63 8.24
N VAL A 245 -9.85 18.36 8.44
CA VAL A 245 -8.55 17.71 8.59
C VAL A 245 -7.87 18.17 9.88
N GLN A 246 -6.98 17.29 10.36
CA GLN A 246 -5.95 17.60 11.36
C GLN A 246 -4.67 16.86 11.03
N GLU A 247 -3.55 17.57 11.05
CA GLU A 247 -2.26 16.97 10.72
C GLU A 247 -1.32 17.19 11.89
N GLN A 248 -0.75 16.10 12.40
CA GLN A 248 0.13 16.13 13.55
C GLN A 248 1.56 15.82 13.11
N GLU A 249 2.34 15.24 14.00
CA GLU A 249 3.70 14.83 13.74
C GLU A 249 3.73 13.60 12.83
N ASN A 250 3.40 12.41 13.38
CA ASN A 250 3.24 11.19 12.59
C ASN A 250 1.76 10.95 12.29
N CYS A 251 1.10 11.90 11.66
CA CYS A 251 -0.33 11.73 11.43
C CYS A 251 -0.84 12.83 10.51
N SER A 252 -1.62 12.42 9.51
CA SER A 252 -2.58 13.27 8.82
C SER A 252 -3.91 12.51 8.80
N ILE A 253 -4.98 13.13 9.29
CA ILE A 253 -6.29 12.48 9.31
C ILE A 253 -7.37 13.42 8.80
N ALA A 254 -8.36 12.86 8.12
CA ALA A 254 -9.51 13.66 7.68
C ALA A 254 -10.79 12.88 7.95
N VAL A 255 -11.84 13.62 8.32
CA VAL A 255 -13.14 13.05 8.68
C VAL A 255 -14.25 13.68 7.83
N GLY A 256 -15.09 12.83 7.25
CA GLY A 256 -16.19 13.32 6.45
C GLY A 256 -17.35 12.35 6.51
N ARG A 257 -18.43 12.73 5.85
CA ARG A 257 -19.64 11.93 5.85
C ARG A 257 -19.42 10.60 5.13
N SER A 258 -20.32 9.65 5.41
CA SER A 258 -20.55 8.51 4.57
C SER A 258 -22.04 8.27 4.47
N PRO A 259 -22.52 7.91 3.31
CA PRO A 259 -23.93 7.56 3.16
C PRO A 259 -24.25 6.11 3.53
N ASP A 260 -23.27 5.19 3.47
CA ASP A 260 -23.54 3.74 3.54
C ASP A 260 -22.40 2.99 4.25
N GLY A 261 -22.33 3.17 5.58
CA GLY A 261 -21.43 2.44 6.45
C GLY A 261 -20.03 3.05 6.55
N PHE A 262 -19.35 2.72 7.65
CA PHE A 262 -17.96 3.13 7.82
C PHE A 262 -17.17 2.81 6.57
N ARG A 263 -16.56 3.84 6.01
CA ARG A 263 -15.56 3.70 4.96
C ARG A 263 -14.26 4.30 5.48
N GLN A 264 -13.14 3.78 4.98
CA GLN A 264 -11.84 4.29 5.37
C GLN A 264 -10.76 4.02 4.31
N LEU A 265 -10.13 5.08 3.85
CA LEU A 265 -8.83 4.95 3.22
C LEU A 265 -7.79 5.29 4.28
N THR A 266 -6.73 4.51 4.33
CA THR A 266 -5.90 4.51 5.54
C THR A 266 -4.55 3.98 5.12
N TYR A 267 -3.51 4.76 5.40
CA TYR A 267 -2.16 4.40 5.00
C TYR A 267 -1.30 4.31 6.24
N VAL A 268 -0.41 3.32 6.22
CA VAL A 268 0.66 3.16 7.20
C VAL A 268 1.96 3.14 6.42
N ASN A 269 2.83 4.14 6.66
CA ASN A 269 3.95 4.48 5.78
C ASN A 269 3.48 4.45 4.34
N ASN A 270 4.11 3.63 3.50
CA ASN A 270 3.78 3.58 2.07
C ASN A 270 2.78 2.48 1.71
N ILE A 271 2.03 1.97 2.68
CA ILE A 271 1.20 0.77 2.51
C ILE A 271 -0.28 1.11 2.69
N HIS A 272 -1.13 0.60 1.79
CA HIS A 272 -2.58 0.83 1.85
C HIS A 272 -3.24 -0.28 2.67
N THR A 273 -3.61 0.01 3.92
CA THR A 273 -4.28 -0.98 4.76
C THR A 273 -5.78 -1.03 4.42
N LYS A 274 -6.07 -1.51 3.20
CA LYS A 274 -7.42 -1.61 2.68
C LYS A 274 -8.39 -2.32 3.63
N ASN A 275 -7.90 -3.24 4.46
CA ASN A 275 -8.72 -3.92 5.47
C ASN A 275 -8.63 -3.26 6.84
N GLY A 276 -8.00 -2.09 6.93
CA GLY A 276 -7.88 -1.39 8.19
C GLY A 276 -6.99 -2.11 9.16
N GLY A 277 -7.57 -2.66 10.20
CA GLY A 277 -6.79 -3.25 11.25
C GLY A 277 -6.64 -2.34 12.44
N HIS A 278 -5.58 -2.58 13.20
CA HIS A 278 -5.50 -2.05 14.54
C HIS A 278 -5.53 -0.52 14.56
N HIS A 279 -4.65 0.12 13.77
CA HIS A 279 -4.47 1.57 13.86
C HIS A 279 -5.80 2.31 13.72
N ILE A 280 -6.57 2.00 12.69
CA ILE A 280 -7.84 2.70 12.52
C ILE A 280 -8.83 2.30 13.61
N ASP A 281 -8.84 1.03 14.02
CA ASP A 281 -9.70 0.62 15.12
C ASP A 281 -9.38 1.40 16.38
N CYS A 282 -8.11 1.51 16.72
CA CYS A 282 -7.77 2.22 17.94
C CYS A 282 -8.11 3.70 17.87
N VAL A 283 -7.92 4.37 16.71
CA VAL A 283 -8.16 5.82 16.72
C VAL A 283 -9.65 6.10 16.63
N MET A 284 -10.42 5.24 15.96
CA MET A 284 -11.86 5.37 16.01
C MET A 284 -12.36 5.23 17.44
N ASP A 285 -11.71 4.34 18.22
CA ASP A 285 -12.07 4.16 19.62
C ASP A 285 -11.76 5.42 20.44
N ASP A 286 -10.52 5.90 20.38
CA ASP A 286 -10.19 7.13 21.09
C ASP A 286 -11.04 8.30 20.62
N ILE A 287 -11.47 8.30 19.34
CA ILE A 287 -12.34 9.36 18.85
C ILE A 287 -13.70 9.27 19.54
N CYS A 288 -14.35 8.10 19.40
CA CYS A 288 -15.70 7.88 19.92
C CYS A 288 -15.79 8.11 21.43
N GLU A 289 -14.70 7.93 22.19
CA GLU A 289 -14.77 8.01 23.65
C GLU A 289 -14.57 9.43 24.18
N ASP A 290 -14.36 10.41 23.33
CA ASP A 290 -14.65 11.78 23.72
C ASP A 290 -15.96 12.25 23.14
N LEU A 291 -16.26 11.81 21.91
CA LEU A 291 -17.51 12.19 21.27
C LEU A 291 -18.72 11.79 22.11
N ILE A 292 -18.92 10.48 22.32
CA ILE A 292 -20.15 10.02 22.98
C ILE A 292 -20.35 10.66 24.34
N PRO A 293 -19.29 10.87 25.19
CA PRO A 293 -19.38 11.87 26.28
C PRO A 293 -20.03 13.20 25.89
N GLN A 294 -19.39 14.00 25.04
CA GLN A 294 -19.94 15.30 24.66
C GLN A 294 -21.34 15.19 24.06
N ILE A 295 -21.56 14.22 23.16
CA ILE A 295 -22.84 14.12 22.46
C ILE A 295 -23.96 13.78 23.43
N LYS A 296 -23.76 12.76 24.27
CA LYS A 296 -24.74 12.52 25.34
C LYS A 296 -24.78 13.67 26.33
N ARG A 297 -23.77 14.55 26.29
CA ARG A 297 -23.68 15.66 27.20
C ARG A 297 -24.26 16.95 26.62
N LYS A 298 -24.03 17.19 25.33
CA LYS A 298 -24.59 18.36 24.63
C LYS A 298 -26.06 18.18 24.28
N PHE A 299 -26.54 16.92 24.23
CA PHE A 299 -27.87 16.62 23.72
C PHE A 299 -28.65 15.58 24.53
N LYS A 300 -28.07 15.03 25.61
CA LYS A 300 -28.64 13.89 26.33
C LYS A 300 -29.24 12.87 25.37
N ILE A 301 -28.37 12.21 24.60
CA ILE A 301 -28.81 11.12 23.74
C ILE A 301 -27.81 10.00 23.86
N ASP A 302 -28.29 8.80 23.56
CA ASP A 302 -27.42 7.64 23.48
C ASP A 302 -27.37 7.20 22.03
N VAL A 303 -26.17 7.29 21.46
CA VAL A 303 -25.83 6.70 20.16
C VAL A 303 -24.65 5.76 20.39
N THR A 304 -24.60 4.69 19.59
CA THR A 304 -23.58 3.66 19.72
C THR A 304 -22.29 4.03 18.98
N LYS A 305 -21.20 3.37 19.37
CA LYS A 305 -19.93 3.54 18.69
C LYS A 305 -20.00 3.03 17.25
N ALA A 306 -20.85 2.05 16.99
CA ALA A 306 -21.06 1.63 15.60
C ALA A 306 -21.87 2.66 14.84
N ARG A 307 -22.76 3.38 15.53
CA ARG A 307 -23.55 4.43 14.90
C ARG A 307 -22.69 5.60 14.45
N VAL A 308 -21.85 6.13 15.35
CA VAL A 308 -20.87 7.14 15.00
C VAL A 308 -20.09 6.73 13.76
N LYS A 309 -19.45 5.57 13.83
CA LYS A 309 -18.54 5.20 12.77
C LYS A 309 -19.28 4.73 11.52
N GLU A 310 -20.49 4.22 11.65
CA GLU A 310 -21.17 3.88 10.40
C GLU A 310 -21.58 5.11 9.58
N CYS A 311 -21.23 6.31 10.04
CA CYS A 311 -21.53 7.53 9.33
C CYS A 311 -20.29 8.30 8.88
N LEU A 312 -19.10 7.87 9.27
CA LEU A 312 -17.86 8.53 8.90
C LEU A 312 -17.19 7.84 7.70
N THR A 313 -16.67 8.68 6.79
CA THR A 313 -15.50 8.31 6.01
C THR A 313 -14.31 8.82 6.82
N ILE A 314 -13.22 8.04 6.85
CA ILE A 314 -11.96 8.43 7.48
C ILE A 314 -10.84 8.29 6.47
N VAL A 315 -9.94 9.28 6.44
CA VAL A 315 -8.68 9.14 5.73
C VAL A 315 -7.56 9.40 6.72
N MET A 316 -6.65 8.42 6.85
CA MET A 316 -5.55 8.54 7.82
C MET A 316 -4.25 7.97 7.26
N PHE A 317 -3.22 8.80 7.26
CA PHE A 317 -1.85 8.40 6.95
C PHE A 317 -1.05 8.45 8.24
N VAL A 318 -0.43 7.33 8.59
CA VAL A 318 0.50 7.23 9.71
C VAL A 318 1.89 7.15 9.11
N ARG A 319 2.73 8.13 9.38
CA ARG A 319 4.07 8.10 8.78
C ARG A 319 5.10 7.61 9.78
N ASP A 320 6.11 6.92 9.26
CA ASP A 320 7.37 6.67 9.95
C ASP A 320 7.27 5.63 11.05
N MET A 321 6.37 4.66 10.94
CA MET A 321 6.25 3.70 12.02
C MET A 321 7.33 2.63 11.91
N LYS A 322 7.93 2.29 13.04
CA LYS A 322 8.92 1.24 13.09
C LYS A 322 8.25 -0.14 13.19
N ASN A 323 8.77 -1.09 12.42
CA ASN A 323 8.42 -2.51 12.57
C ASN A 323 6.91 -2.72 12.50
N MET A 324 6.34 -2.36 11.37
CA MET A 324 4.91 -2.58 11.25
C MET A 324 4.67 -3.99 10.77
N ARG A 325 3.51 -4.53 11.14
CA ARG A 325 3.27 -5.96 11.10
C ARG A 325 1.87 -6.22 10.56
N PHE A 326 1.74 -7.31 9.84
CA PHE A 326 0.52 -7.60 9.13
C PHE A 326 0.27 -9.09 9.21
N ASP A 327 -0.94 -9.47 8.85
CA ASP A 327 -1.37 -10.86 8.91
C ASP A 327 -1.28 -11.59 7.58
N SER A 328 -0.65 -10.99 6.57
CA SER A 328 -0.62 -11.65 5.27
C SER A 328 0.46 -10.99 4.45
N GLN A 329 0.93 -11.70 3.43
CA GLN A 329 1.85 -11.06 2.51
C GLN A 329 1.23 -9.81 1.85
N THR A 330 -0.11 -9.71 1.76
CA THR A 330 -0.69 -8.57 1.03
C THR A 330 -0.74 -7.30 1.84
N LYS A 331 -0.23 -7.30 3.07
CA LYS A 331 -0.02 -6.09 3.88
C LYS A 331 -1.31 -5.26 3.99
N GLU A 332 -2.46 -5.92 4.05
CA GLU A 332 -3.72 -5.19 4.00
C GLU A 332 -4.31 -4.90 5.35
N ARG A 333 -3.67 -5.32 6.42
CA ARG A 333 -4.30 -5.26 7.74
C ARG A 333 -3.17 -5.01 8.74
N LEU A 334 -3.03 -3.76 9.19
CA LEU A 334 -1.97 -3.48 10.13
C LEU A 334 -2.23 -4.24 11.40
N THR A 335 -1.26 -5.04 11.84
CA THR A 335 -1.50 -5.95 12.95
C THR A 335 -0.55 -5.70 14.14
N SER A 336 0.11 -4.53 14.18
CA SER A 336 1.09 -4.20 15.24
C SER A 336 0.43 -3.94 16.59
N PRO A 337 1.19 -4.03 17.70
CA PRO A 337 0.57 -3.88 19.02
C PRO A 337 -0.15 -2.54 19.21
N PHE A 338 -1.40 -2.61 19.72
CA PHE A 338 -2.22 -1.44 20.03
C PHE A 338 -1.45 -0.40 20.82
N GLY A 339 -0.58 -0.84 21.73
CA GLY A 339 0.18 0.11 22.52
C GLY A 339 1.19 0.87 21.70
N GLU A 340 1.97 0.15 20.87
CA GLU A 340 3.00 0.78 20.04
C GLU A 340 2.39 1.72 19.01
N ILE A 341 1.29 1.29 18.39
CA ILE A 341 0.52 2.19 17.53
C ILE A 341 0.20 3.48 18.28
N ARG A 342 -0.49 3.37 19.44
CA ARG A 342 -0.90 4.57 20.17
C ARG A 342 0.30 5.42 20.60
N SER A 343 1.47 4.80 20.78
CA SER A 343 2.69 5.58 21.01
C SER A 343 3.06 6.45 19.80
N HIS A 344 2.92 5.90 18.58
CA HIS A 344 3.31 6.65 17.41
C HIS A 344 2.30 7.75 17.07
N ILE A 345 1.03 7.40 16.95
CA ILE A 345 -0.05 8.36 16.68
C ILE A 345 -0.31 9.20 17.94
N GLN A 346 0.22 10.42 17.98
CA GLN A 346 -0.02 11.30 19.12
C GLN A 346 -1.38 12.02 18.99
N LEU A 347 -2.43 11.21 18.85
CA LEU A 347 -3.75 11.68 18.45
C LEU A 347 -4.35 12.61 19.49
N ASP A 348 -4.53 13.89 19.13
CA ASP A 348 -5.34 14.81 19.94
C ASP A 348 -6.81 14.55 19.62
N ALA A 349 -7.33 13.42 20.13
CA ALA A 349 -8.75 13.14 19.93
C ALA A 349 -9.63 14.23 20.52
N LYS A 350 -9.16 14.92 21.56
CA LYS A 350 -9.93 16.02 22.14
C LYS A 350 -10.25 17.05 21.07
N LYS A 351 -9.20 17.66 20.50
CA LYS A 351 -9.28 18.47 19.28
C LYS A 351 -10.28 17.86 18.31
N ILE A 352 -9.95 16.68 17.80
CA ILE A 352 -10.77 16.07 16.76
C ILE A 352 -12.21 15.91 17.22
N SER A 353 -12.43 15.65 18.52
CA SER A 353 -13.79 15.53 19.02
C SER A 353 -14.57 16.85 18.91
N ARG A 354 -13.95 17.97 19.29
CA ARG A 354 -14.73 19.21 19.30
C ARG A 354 -15.04 19.66 17.88
N ALA A 355 -14.08 19.52 16.96
CA ALA A 355 -14.32 19.96 15.59
C ALA A 355 -15.39 19.13 14.91
N ILE A 356 -15.57 17.87 15.29
CA ILE A 356 -16.63 17.12 14.63
C ILE A 356 -17.98 17.49 15.22
N LEU A 357 -18.02 17.84 16.51
CA LEU A 357 -19.23 18.37 17.11
C LEU A 357 -19.63 19.72 16.51
N ASN A 358 -18.67 20.49 15.98
CA ASN A 358 -18.91 21.79 15.35
C ASN A 358 -18.99 21.71 13.83
N ASN A 359 -19.47 20.60 13.26
CA ASN A 359 -19.58 20.46 11.80
C ASN A 359 -20.91 19.77 11.53
N GLU A 360 -21.94 20.58 11.28
CA GLU A 360 -23.30 20.06 11.18
C GLU A 360 -23.39 18.89 10.21
N ALA A 361 -22.93 19.10 8.97
CA ALA A 361 -23.01 18.07 7.93
C ALA A 361 -22.51 16.72 8.44
N ILE A 362 -21.46 16.74 9.24
CA ILE A 362 -20.90 15.51 9.81
C ILE A 362 -21.64 15.08 11.08
N LEU A 363 -21.95 16.03 11.97
CA LEU A 363 -22.54 15.66 13.27
C LEU A 363 -23.98 15.16 13.12
N MET A 364 -24.74 15.73 12.21
CA MET A 364 -26.19 15.56 12.25
C MET A 364 -26.62 14.12 11.99
N PRO A 365 -26.09 13.38 11.01
CA PRO A 365 -26.57 12.00 10.83
C PRO A 365 -26.35 11.10 12.04
N ILE A 366 -25.25 11.28 12.78
CA ILE A 366 -25.02 10.50 14.01
C ILE A 366 -26.25 10.58 14.91
N ILE A 367 -26.52 11.79 15.41
CA ILE A 367 -27.50 11.99 16.47
C ILE A 367 -28.92 12.08 15.96
N GLU A 368 -29.13 11.92 14.66
CA GLU A 368 -30.43 12.28 14.09
C GLU A 368 -31.54 11.34 14.56
N ALA A 369 -31.41 10.04 14.26
CA ALA A 369 -32.42 9.09 14.71
C ALA A 369 -32.61 9.19 16.22
N ALA A 370 -31.51 9.40 16.94
CA ALA A 370 -31.52 9.49 18.40
C ALA A 370 -32.33 10.70 18.89
N LEU A 371 -32.13 11.87 18.28
CA LEU A 371 -32.95 13.03 18.59
C LEU A 371 -34.42 12.79 18.23
N ALA A 372 -34.70 12.28 17.02
CA ALA A 372 -36.07 12.02 16.60
C ALA A 372 -36.74 10.90 17.40
N ARG A 373 -35.95 10.02 18.00
CA ARG A 373 -36.47 9.06 18.96
C ARG A 373 -36.60 9.64 20.35
N LYS A 374 -36.11 10.86 20.59
CA LYS A 374 -36.26 11.41 21.94
C LYS A 374 -37.65 12.00 22.17
N LEU A 375 -38.21 12.71 21.18
CA LEU A 375 -39.56 13.26 21.33
C LEU A 375 -40.64 12.19 21.15
MG MG B . 7.90 -5.33 -2.73
PG ANP C . 8.11 -7.30 0.55
O1G ANP C . 7.08 -6.69 1.49
O2G ANP C . 7.95 -6.74 -0.90
O3G ANP C . 7.94 -8.87 0.45
PB ANP C . 10.81 -6.71 -0.06
O1B ANP C . 10.54 -5.38 -0.73
O2B ANP C . 12.23 -6.66 0.55
N3B ANP C . 9.67 -6.96 1.14
PA ANP C . 11.47 -7.88 -2.49
O1A ANP C . 11.51 -9.24 -3.10
O2A ANP C . 10.72 -6.86 -3.32
O3A ANP C . 10.74 -7.90 -1.09
O5' ANP C . 12.93 -7.40 -2.10
C5' ANP C . 14.04 -7.41 -3.01
C4' ANP C . 15.09 -6.39 -2.61
O4' ANP C . 15.61 -5.73 -3.79
C3' ANP C . 14.65 -5.24 -1.71
O3' ANP C . 14.57 -5.62 -0.33
C2' ANP C . 15.75 -4.21 -1.97
O2' ANP C . 16.91 -4.49 -1.20
C1' ANP C . 16.02 -4.40 -3.47
N9 ANP C . 15.28 -3.48 -4.31
C8 ANP C . 14.17 -3.76 -5.07
N7 ANP C . 13.68 -2.71 -5.70
C5 ANP C . 14.51 -1.66 -5.33
C6 ANP C . 14.53 -0.30 -5.65
N6 ANP C . 13.63 0.27 -6.46
N1 ANP C . 15.52 0.47 -5.10
C2 ANP C . 16.40 -0.11 -4.28
N3 ANP C . 16.48 -1.39 -3.91
C4 ANP C . 15.51 -2.12 -4.46
#